data_8RSM
#
_entry.id   8RSM
#
_cell.length_a   41.704
_cell.length_b   41.704
_cell.length_c   137.895
_cell.angle_alpha   90.000
_cell.angle_beta   90.000
_cell.angle_gamma   90.000
#
_symmetry.space_group_name_H-M   'P 41'
#
loop_
_entity.id
_entity.type
_entity.pdbx_description
1 polymer 'Protein-ADP-ribose hydrolase'
2 non-polymer 'ZINC ION'
3 non-polymer '[(2R,3S,4R,5R)-5-(6-AMINOPURIN-9-YL)-3,4-DIHYDROXY-OXOLAN-2-YL]METHYL [HYDROXY-[[(2R,3S,4R,5S)-3,4,5-TRIHYDROXYOXOLAN-2-YL]METHOXY]PHOSPHORYL] HYDROGEN PHOSPHATE'
4 water water
#
_entity_poly.entity_id   1
_entity_poly.type   'polypeptide(L)'
_entity_poly.pdbx_seq_one_letter_code
;GPMSMPSSFDLLGEMIGLLQTEQLTSSWACPLPNALTKRQDLWRALINQRPALPLSKDYLNLEDAYLDDWRASFVPVSVK
DCQKTNYTSLFLYHGDIRYLAVDAIVNAANSELLGCFSPNHGCIDNAIHTFAGSRLRLACQAIMTEQGRKEAIGQAKLTS
AYHLPASYIIHTVGPRITKGHHVSPIRADLLARCYRSSLDLAVKAGLTSLAFCSISTGEFGFPKKEAAQIAIKTVLKWQA
EHPESKTLTTIFNTFTSEDKALYDTYLQKENNCE
;
_entity_poly.pdbx_strand_id   A
#
loop_
_chem_comp.id
_chem_comp.type
_chem_comp.name
_chem_comp.formula
AR6 non-polymer '[(2R,3S,4R,5R)-5-(6-AMINOPURIN-9-YL)-3,4-DIHYDROXY-OXOLAN-2-YL]METHYL [HYDROXY-[[(2R,3S,4R,5S)-3,4,5-TRIHYDROXYOXOLAN-2-YL]METHOXY]PHOSPHORYL] HYDROGEN PHOSPHATE' 'C15 H23 N5 O14 P2'
ZN non-polymer 'ZINC ION' 'Zn 2'
#
# COMPACT_ATOMS: atom_id res chain seq x y z
N MET A 5 -26.05 -1.44 13.17
CA MET A 5 -26.29 -1.00 14.57
C MET A 5 -25.63 -1.94 15.60
N PRO A 6 -25.33 -3.23 15.31
CA PRO A 6 -24.48 -4.03 16.22
C PRO A 6 -23.14 -3.36 16.56
N SER A 7 -22.52 -3.80 17.68
CA SER A 7 -21.17 -3.43 18.15
C SER A 7 -20.08 -4.04 17.24
N SER A 8 -18.84 -3.58 17.35
CA SER A 8 -17.76 -4.02 16.48
C SER A 8 -17.47 -5.51 16.62
N PHE A 9 -17.41 -6.02 17.86
CA PHE A 9 -17.32 -7.45 18.10
C PHE A 9 -18.46 -8.22 17.43
N ASP A 10 -19.69 -7.72 17.58
CA ASP A 10 -20.87 -8.37 16.99
C ASP A 10 -20.88 -8.21 15.48
N LEU A 11 -20.42 -7.06 14.97
CA LEU A 11 -20.30 -6.88 13.54
C LEU A 11 -19.37 -7.94 12.95
N LEU A 12 -18.21 -8.18 13.58
CA LEU A 12 -17.31 -9.20 13.09
C LEU A 12 -18.05 -10.53 13.01
N GLY A 13 -18.79 -10.86 14.08
CA GLY A 13 -19.47 -12.14 14.13
C GLY A 13 -20.48 -12.30 12.98
N GLU A 14 -21.25 -11.25 12.70
CA GLU A 14 -22.22 -11.31 11.62
C GLU A 14 -21.55 -11.40 10.25
N MET A 15 -20.44 -10.69 10.06
CA MET A 15 -19.75 -10.71 8.79
C MET A 15 -19.18 -12.11 8.50
N ILE A 16 -18.62 -12.74 9.56
CA ILE A 16 -18.07 -14.07 9.50
C ILE A 16 -19.18 -15.04 9.09
N GLY A 17 -20.36 -14.92 9.68
CA GLY A 17 -21.52 -15.78 9.38
C GLY A 17 -21.95 -15.69 7.91
N LEU A 18 -22.02 -14.47 7.37
CA LEU A 18 -22.40 -14.26 5.99
C LEU A 18 -21.36 -14.85 5.02
N LEU A 19 -20.06 -14.61 5.29
CA LEU A 19 -18.99 -15.10 4.45
C LEU A 19 -18.88 -16.64 4.56
N GLN A 20 -19.09 -17.21 5.76
CA GLN A 20 -18.95 -18.63 5.92
C GLN A 20 -20.09 -19.35 5.20
N THR A 21 -21.30 -18.79 5.26
CA THR A 21 -22.44 -19.48 4.67
C THR A 21 -22.50 -19.24 3.17
N GLU A 22 -21.83 -18.20 2.68
CA GLU A 22 -21.69 -17.95 1.26
C GLU A 22 -20.52 -18.77 0.73
N GLN A 23 -20.74 -19.47 -0.39
CA GLN A 23 -19.75 -20.37 -0.95
C GLN A 23 -20.29 -20.95 -2.26
N LEU A 36 -6.26 -19.10 14.87
CA LEU A 36 -7.02 -18.12 14.04
C LEU A 36 -8.13 -17.52 14.89
N THR A 37 -7.87 -17.43 16.21
CA THR A 37 -8.92 -17.43 17.23
C THR A 37 -9.54 -16.05 17.43
N LYS A 38 -8.79 -14.98 17.14
CA LYS A 38 -9.33 -13.64 17.19
C LYS A 38 -10.35 -13.45 16.06
N ARG A 39 -11.51 -12.85 16.33
CA ARG A 39 -12.56 -12.74 15.33
C ARG A 39 -12.08 -11.85 14.20
N GLN A 40 -11.25 -10.84 14.49
CA GLN A 40 -10.78 -9.98 13.40
C GLN A 40 -9.97 -10.84 12.42
N ASP A 41 -9.21 -11.82 12.93
CA ASP A 41 -8.36 -12.65 12.09
C ASP A 41 -9.18 -13.64 11.25
N LEU A 42 -10.25 -14.19 11.84
CA LEU A 42 -11.11 -15.10 11.09
C LEU A 42 -11.81 -14.34 9.97
N TRP A 43 -12.36 -13.16 10.29
CA TRP A 43 -13.00 -12.34 9.28
C TRP A 43 -12.02 -12.01 8.17
N ARG A 44 -10.82 -11.59 8.54
CA ARG A 44 -9.84 -11.21 7.55
C ARG A 44 -9.49 -12.37 6.63
N ALA A 45 -9.30 -13.57 7.19
CA ALA A 45 -9.02 -14.74 6.39
C ALA A 45 -10.11 -14.95 5.34
N LEU A 46 -11.37 -14.83 5.77
CA LEU A 46 -12.52 -15.11 4.92
C LEU A 46 -12.62 -14.07 3.82
N ILE A 47 -12.42 -12.80 4.16
CA ILE A 47 -12.59 -11.76 3.14
C ILE A 47 -11.39 -11.76 2.19
N ASN A 48 -10.21 -12.08 2.71
CA ASN A 48 -9.01 -12.18 1.89
C ASN A 48 -9.20 -13.22 0.79
N GLN A 49 -9.73 -14.40 1.14
CA GLN A 49 -9.70 -15.55 0.24
C GLN A 49 -10.85 -15.52 -0.75
N ARG A 50 -11.76 -14.58 -0.54
CA ARG A 50 -12.97 -14.54 -1.33
C ARG A 50 -12.67 -14.05 -2.75
N PRO A 51 -12.96 -14.86 -3.79
CA PRO A 51 -12.76 -14.42 -5.18
C PRO A 51 -13.46 -13.09 -5.35
N ALA A 52 -12.96 -12.26 -6.28
CA ALA A 52 -13.49 -10.93 -6.52
C ALA A 52 -14.81 -10.99 -7.28
N LEU A 53 -15.85 -11.46 -6.60
CA LEU A 53 -17.17 -11.56 -7.14
C LEU A 53 -17.95 -10.42 -6.52
N PRO A 54 -19.10 -9.98 -7.10
CA PRO A 54 -20.00 -9.05 -6.43
C PRO A 54 -20.33 -9.52 -5.01
N LEU A 55 -20.78 -8.58 -4.17
CA LEU A 55 -20.92 -8.74 -2.72
C LEU A 55 -22.29 -8.24 -2.31
N SER A 56 -22.94 -8.96 -1.39
CA SER A 56 -24.24 -8.51 -0.93
C SER A 56 -24.12 -7.10 -0.37
N LYS A 57 -25.18 -6.31 -0.58
CA LYS A 57 -25.37 -5.01 0.05
C LYS A 57 -25.34 -5.16 1.57
N ASP A 58 -25.85 -6.29 2.06
CA ASP A 58 -25.96 -6.49 3.50
C ASP A 58 -24.56 -6.62 4.11
N TYR A 59 -23.71 -7.38 3.42
CA TYR A 59 -22.35 -7.56 3.87
C TYR A 59 -21.65 -6.19 3.88
N LEU A 60 -21.80 -5.45 2.78
CA LEU A 60 -21.06 -4.22 2.56
C LEU A 60 -21.42 -3.25 3.67
N ASN A 61 -22.69 -3.22 4.09
CA ASN A 61 -23.10 -2.31 5.15
C ASN A 61 -22.47 -2.69 6.50
N LEU A 62 -22.34 -4.00 6.77
CA LEU A 62 -21.71 -4.43 8.01
C LEU A 62 -20.24 -4.03 7.98
N GLU A 63 -19.59 -4.28 6.83
CA GLU A 63 -18.15 -4.05 6.75
C GLU A 63 -17.87 -2.56 6.85
N ASP A 64 -18.70 -1.75 6.17
CA ASP A 64 -18.62 -0.31 6.31
C ASP A 64 -18.76 0.11 7.77
N ALA A 65 -19.76 -0.40 8.51
CA ALA A 65 -19.88 -0.03 9.90
C ALA A 65 -18.63 -0.41 10.68
N TYR A 66 -18.06 -1.57 10.38
CA TYR A 66 -16.94 -2.10 11.15
C TYR A 66 -15.70 -1.23 10.93
N LEU A 67 -15.41 -0.95 9.66
CA LEU A 67 -14.25 -0.14 9.32
C LEU A 67 -14.42 1.30 9.80
N ASP A 68 -15.63 1.85 9.82
CA ASP A 68 -15.84 3.14 10.44
C ASP A 68 -15.49 3.11 11.93
N ASP A 69 -15.88 2.05 12.65
CA ASP A 69 -15.54 1.92 14.04
C ASP A 69 -14.02 1.80 14.23
N TRP A 70 -13.38 0.98 13.39
CA TRP A 70 -11.94 0.85 13.37
C TRP A 70 -11.31 2.25 13.25
N ARG A 71 -11.79 3.02 12.27
CA ARG A 71 -11.25 4.37 12.08
C ARG A 71 -11.41 5.25 13.31
N ALA A 72 -12.55 5.12 14.00
CA ALA A 72 -12.86 5.96 15.15
C ALA A 72 -11.96 5.59 16.33
N SER A 73 -11.20 4.49 16.25
CA SER A 73 -10.44 3.97 17.37
C SER A 73 -9.01 4.51 17.42
N PHE A 74 -8.58 5.33 16.46
CA PHE A 74 -7.24 5.87 16.51
C PHE A 74 -7.21 7.25 15.88
N VAL A 75 -6.20 8.04 16.24
CA VAL A 75 -5.90 9.30 15.58
C VAL A 75 -4.82 9.00 14.55
N PRO A 76 -5.10 9.23 13.25
CA PRO A 76 -4.11 8.95 12.21
C PRO A 76 -2.82 9.70 12.49
N VAL A 77 -1.71 9.08 12.08
CA VAL A 77 -0.42 9.76 11.99
C VAL A 77 -0.47 10.80 10.86
N SER A 78 -0.07 12.05 11.14
CA SER A 78 -0.08 13.09 10.13
C SER A 78 1.31 13.22 9.49
N VAL A 79 1.40 13.96 8.39
CA VAL A 79 2.69 14.20 7.75
C VAL A 79 3.62 14.91 8.74
N LYS A 80 3.08 15.80 9.59
CA LYS A 80 3.89 16.58 10.51
C LYS A 80 4.59 15.68 11.53
N ASP A 81 3.92 14.60 11.90
CA ASP A 81 4.42 13.66 12.89
C ASP A 81 5.56 12.80 12.35
N CYS A 82 5.77 12.77 11.03
CA CYS A 82 6.82 11.93 10.48
C CYS A 82 8.19 12.54 10.78
N GLN A 83 9.23 11.73 10.63
CA GLN A 83 10.57 12.18 10.96
C GLN A 83 11.21 12.92 9.78
N LYS A 84 11.75 14.10 10.02
CA LYS A 84 12.50 14.81 9.02
C LYS A 84 13.87 14.13 8.84
N THR A 85 14.54 14.44 7.72
CA THR A 85 15.81 13.83 7.36
C THR A 85 16.75 14.92 6.84
N ASN A 86 17.92 14.52 6.36
CA ASN A 86 18.87 15.43 5.76
C ASN A 86 18.39 16.03 4.44
N TYR A 87 17.35 15.45 3.83
CA TYR A 87 16.90 15.83 2.50
C TYR A 87 15.52 16.46 2.50
N THR A 88 15.43 17.62 1.87
CA THR A 88 14.24 18.44 1.91
C THR A 88 13.09 17.62 1.34
N SER A 89 11.98 17.57 2.07
CA SER A 89 10.71 16.97 1.66
C SER A 89 10.77 15.44 1.57
N LEU A 90 11.83 14.79 2.06
CA LEU A 90 11.81 13.35 2.21
C LEU A 90 11.67 13.08 3.69
N PHE A 91 10.65 12.35 4.09
CA PHE A 91 10.43 12.07 5.51
C PHE A 91 10.38 10.57 5.74
N LEU A 92 10.41 10.17 7.00
CA LEU A 92 10.44 8.76 7.32
C LEU A 92 9.33 8.46 8.30
N TYR A 93 8.69 7.30 8.09
CA TYR A 93 7.66 6.81 8.99
C TYR A 93 7.89 5.33 9.22
N HIS A 94 8.10 4.96 10.49
CA HIS A 94 8.25 3.56 10.84
C HIS A 94 6.95 3.14 11.49
N GLY A 95 6.13 2.43 10.74
CA GLY A 95 4.87 1.96 11.30
C GLY A 95 3.96 1.41 10.21
N ASP A 96 2.73 1.12 10.61
CA ASP A 96 1.77 0.50 9.71
C ASP A 96 1.19 1.58 8.79
N ILE A 97 1.15 1.28 7.48
CA ILE A 97 0.71 2.24 6.49
C ILE A 97 -0.79 2.57 6.68
N ARG A 98 -1.50 1.68 7.37
CA ARG A 98 -2.94 1.84 7.53
C ARG A 98 -3.28 3.03 8.41
N TYR A 99 -2.32 3.56 9.20
CA TYR A 99 -2.63 4.61 10.16
C TYR A 99 -2.20 5.99 9.67
N LEU A 100 -1.64 6.06 8.46
CA LEU A 100 -1.02 7.27 7.95
C LEU A 100 -2.00 8.12 7.14
N ALA A 101 -2.21 9.35 7.59
CA ALA A 101 -3.03 10.30 6.86
C ALA A 101 -2.18 11.12 5.88
N VAL A 102 -1.97 10.57 4.69
CA VAL A 102 -1.27 11.23 3.59
C VAL A 102 -2.23 11.31 2.40
N ASP A 103 -1.89 12.10 1.40
CA ASP A 103 -2.74 12.18 0.22
C ASP A 103 -2.83 10.82 -0.46
N ALA A 104 -1.68 10.17 -0.69
CA ALA A 104 -1.63 8.87 -1.33
C ALA A 104 -0.61 7.95 -0.67
N ILE A 105 -1.00 6.69 -0.56
CA ILE A 105 -0.10 5.63 -0.15
C ILE A 105 0.14 4.76 -1.37
N VAL A 106 1.33 4.17 -1.45
CA VAL A 106 1.67 3.37 -2.60
C VAL A 106 1.58 1.93 -2.18
N ASN A 107 0.75 1.14 -2.86
CA ASN A 107 0.58 -0.25 -2.57
C ASN A 107 1.49 -1.05 -3.51
N ALA A 108 2.19 -2.01 -2.93
CA ALA A 108 3.01 -2.98 -3.67
C ALA A 108 2.09 -4.13 -4.07
N ALA A 109 1.56 -4.00 -5.27
CA ALA A 109 0.46 -4.82 -5.71
C ALA A 109 0.97 -6.04 -6.47
N ASN A 110 0.06 -6.85 -6.99
CA ASN A 110 0.40 -7.82 -8.02
C ASN A 110 -0.26 -7.43 -9.35
N SER A 111 0.07 -8.15 -10.41
CA SER A 111 -0.30 -7.69 -11.75
C SER A 111 -1.79 -7.81 -12.00
N GLU A 112 -2.53 -8.57 -11.19
CA GLU A 112 -3.98 -8.63 -11.37
C GLU A 112 -4.69 -7.48 -10.67
N LEU A 113 -3.99 -6.83 -9.74
CA LEU A 113 -4.43 -5.64 -9.00
C LEU A 113 -5.58 -5.93 -8.05
N LEU A 114 -5.83 -7.17 -7.66
CA LEU A 114 -7.04 -7.51 -6.93
C LEU A 114 -6.75 -7.70 -5.45
N GLY A 115 -5.52 -7.41 -5.02
CA GLY A 115 -5.15 -7.59 -3.63
C GLY A 115 -4.66 -8.99 -3.37
N CYS A 116 -4.67 -9.36 -2.09
CA CYS A 116 -3.99 -10.57 -1.68
C CYS A 116 -5.01 -11.60 -1.24
N PHE A 117 -4.90 -12.83 -1.79
CA PHE A 117 -5.92 -13.81 -1.46
C PHE A 117 -5.41 -14.83 -0.46
N SER A 118 -4.24 -14.55 0.11
CA SER A 118 -3.64 -15.47 1.04
C SER A 118 -4.02 -15.03 2.46
N PRO A 119 -4.82 -15.85 3.21
CA PRO A 119 -5.42 -15.42 4.47
C PRO A 119 -4.41 -14.88 5.47
N ASN A 120 -4.68 -13.65 5.97
CA ASN A 120 -3.86 -13.03 6.99
C ASN A 120 -2.39 -13.02 6.55
N HIS A 121 -2.15 -12.90 5.25
CA HIS A 121 -0.79 -12.68 4.77
C HIS A 121 -0.28 -11.37 5.37
N GLY A 122 1.04 -11.31 5.54
CA GLY A 122 1.73 -10.19 6.15
C GLY A 122 2.23 -9.16 5.13
N CYS A 123 1.68 -9.15 3.93
CA CYS A 123 2.11 -8.19 2.94
C CYS A 123 1.26 -6.91 3.04
N ILE A 124 1.75 -5.86 2.37
CA ILE A 124 1.07 -4.59 2.49
C ILE A 124 -0.26 -4.65 1.70
N ASP A 125 -0.28 -5.38 0.57
CA ASP A 125 -1.47 -5.47 -0.27
C ASP A 125 -2.68 -5.96 0.54
N ASN A 126 -2.45 -6.98 1.37
CA ASN A 126 -3.46 -7.56 2.23
C ASN A 126 -3.93 -6.54 3.25
N ALA A 127 -2.97 -5.90 3.94
CA ALA A 127 -3.34 -4.92 4.95
C ALA A 127 -4.16 -3.78 4.33
N ILE A 128 -3.70 -3.25 3.18
CA ILE A 128 -4.40 -2.17 2.52
C ILE A 128 -5.80 -2.58 2.07
N HIS A 129 -5.91 -3.71 1.39
CA HIS A 129 -7.20 -4.16 0.92
C HIS A 129 -8.18 -4.41 2.07
N THR A 130 -7.72 -5.11 3.10
CA THR A 130 -8.63 -5.49 4.16
C THR A 130 -9.22 -4.26 4.86
N PHE A 131 -8.40 -3.23 5.14
CA PHE A 131 -8.89 -2.10 5.92
C PHE A 131 -9.39 -0.92 5.10
N ALA A 132 -9.04 -0.84 3.81
CA ALA A 132 -9.75 0.02 2.89
C ALA A 132 -11.17 -0.50 2.74
N GLY A 133 -11.26 -1.82 2.70
CA GLY A 133 -12.50 -2.57 2.61
C GLY A 133 -12.74 -3.13 1.22
N SER A 134 -13.82 -3.91 1.12
CA SER A 134 -14.13 -4.72 -0.04
C SER A 134 -14.44 -3.90 -1.28
N ARG A 135 -14.87 -2.65 -1.14
CA ARG A 135 -15.10 -1.85 -2.32
C ARG A 135 -13.82 -1.65 -3.14
N LEU A 136 -12.65 -1.72 -2.50
CA LEU A 136 -11.40 -1.56 -3.23
C LEU A 136 -11.18 -2.74 -4.18
N ARG A 137 -11.33 -3.99 -3.69
CA ARG A 137 -11.18 -5.14 -4.56
C ARG A 137 -12.16 -5.07 -5.75
N LEU A 138 -13.42 -4.64 -5.51
CA LEU A 138 -14.42 -4.56 -6.55
C LEU A 138 -14.07 -3.45 -7.55
N ALA A 139 -13.52 -2.35 -7.07
CA ALA A 139 -13.15 -1.25 -7.93
C ALA A 139 -12.00 -1.68 -8.84
N CYS A 140 -11.00 -2.33 -8.24
CA CYS A 140 -9.86 -2.83 -8.98
C CYS A 140 -10.30 -3.82 -10.06
N GLN A 141 -11.26 -4.69 -9.75
CA GLN A 141 -11.74 -5.63 -10.75
C GLN A 141 -12.33 -4.88 -11.94
N ALA A 142 -13.13 -3.84 -11.69
CA ALA A 142 -13.78 -3.08 -12.75
C ALA A 142 -12.72 -2.39 -13.61
N ILE A 143 -11.72 -1.79 -12.95
CA ILE A 143 -10.62 -1.11 -13.62
C ILE A 143 -9.88 -2.11 -14.52
N MET A 144 -9.59 -3.30 -13.99
CA MET A 144 -8.76 -4.25 -14.71
C MET A 144 -9.56 -4.87 -15.85
N THR A 145 -10.86 -5.10 -15.68
CA THR A 145 -11.67 -5.59 -16.78
C THR A 145 -11.72 -4.55 -17.90
N GLU A 146 -11.92 -3.29 -17.54
CA GLU A 146 -11.92 -2.20 -18.49
C GLU A 146 -10.64 -2.21 -19.31
N GLN A 147 -9.53 -2.38 -18.62
CA GLN A 147 -8.21 -2.39 -19.22
C GLN A 147 -8.07 -3.64 -20.08
N GLY A 148 -8.53 -4.79 -19.58
CA GLY A 148 -8.62 -6.02 -20.39
C GLY A 148 -7.29 -6.80 -20.39
N ARG A 149 -6.42 -6.46 -19.46
CA ARG A 149 -5.06 -6.98 -19.44
C ARG A 149 -4.47 -6.75 -18.05
N LYS A 150 -3.58 -7.64 -17.60
CA LYS A 150 -2.86 -7.46 -16.33
C LYS A 150 -1.98 -6.23 -16.39
N GLU A 151 -1.56 -5.73 -15.21
CA GLU A 151 -0.69 -4.57 -15.12
C GLU A 151 0.74 -4.98 -15.40
N ALA A 152 1.49 -4.18 -16.16
CA ALA A 152 2.93 -4.33 -16.27
C ALA A 152 3.66 -3.81 -15.02
N ILE A 153 4.91 -4.28 -14.86
CA ILE A 153 5.77 -3.85 -13.77
C ILE A 153 6.04 -2.37 -13.92
N GLY A 154 6.03 -1.62 -12.81
CA GLY A 154 6.55 -0.28 -12.80
C GLY A 154 5.61 0.78 -13.37
N GLN A 155 4.30 0.52 -13.34
CA GLN A 155 3.30 1.48 -13.74
C GLN A 155 2.60 2.00 -12.49
N ALA A 156 1.56 2.80 -12.66
CA ALA A 156 0.87 3.30 -11.48
C ALA A 156 -0.58 3.52 -11.81
N LYS A 157 -1.45 3.07 -10.91
CA LYS A 157 -2.89 3.30 -11.04
C LYS A 157 -3.41 3.87 -9.75
N LEU A 158 -4.30 4.86 -9.87
CA LEU A 158 -4.90 5.56 -8.73
C LEU A 158 -6.28 5.03 -8.42
N THR A 159 -6.53 4.72 -7.13
CA THR A 159 -7.89 4.48 -6.65
C THR A 159 -8.11 5.31 -5.40
N SER A 160 -9.36 5.41 -4.98
CA SER A 160 -9.62 5.87 -3.62
C SER A 160 -8.97 4.92 -2.62
N ALA A 161 -8.73 5.41 -1.39
CA ALA A 161 -8.28 4.59 -0.27
C ALA A 161 -9.42 4.15 0.64
N TYR A 162 -10.69 4.47 0.28
CA TYR A 162 -11.88 4.01 0.98
C TYR A 162 -11.76 4.32 2.48
N HIS A 163 -11.85 3.29 3.34
CA HIS A 163 -11.90 3.52 4.77
C HIS A 163 -10.56 3.92 5.39
N LEU A 164 -9.44 3.77 4.67
CA LEU A 164 -8.15 4.21 5.21
C LEU A 164 -8.08 5.73 5.38
N PRO A 165 -7.21 6.21 6.28
CA PRO A 165 -7.06 7.63 6.48
C PRO A 165 -6.41 8.36 5.31
N ALA A 166 -5.63 7.66 4.46
CA ALA A 166 -5.11 8.27 3.27
C ALA A 166 -6.31 8.59 2.37
N SER A 167 -6.14 9.51 1.44
CA SER A 167 -7.16 9.80 0.45
C SER A 167 -7.18 8.77 -0.70
N TYR A 168 -5.99 8.45 -1.21
CA TYR A 168 -5.83 7.71 -2.45
C TYR A 168 -4.82 6.60 -2.25
N ILE A 169 -4.97 5.55 -3.06
CA ILE A 169 -3.92 4.54 -3.20
C ILE A 169 -3.35 4.58 -4.60
N ILE A 170 -2.01 4.48 -4.70
CA ILE A 170 -1.36 4.29 -5.98
C ILE A 170 -0.84 2.85 -6.01
N HIS A 171 -1.33 2.08 -6.96
CA HIS A 171 -1.02 0.67 -7.04
C HIS A 171 0.07 0.54 -8.09
N THR A 172 1.18 -0.08 -7.67
CA THR A 172 2.30 -0.36 -8.57
C THR A 172 2.78 -1.79 -8.29
N VAL A 173 3.26 -2.41 -9.35
CA VAL A 173 3.77 -3.76 -9.30
C VAL A 173 5.26 -3.70 -9.48
N GLY A 174 5.98 -4.15 -8.45
CA GLY A 174 7.42 -4.16 -8.59
C GLY A 174 7.92 -5.47 -9.18
N PRO A 175 9.23 -5.50 -9.51
CA PRO A 175 9.88 -6.69 -10.02
C PRO A 175 10.18 -7.70 -8.92
N ARG A 176 10.21 -8.97 -9.31
CA ARG A 176 10.58 -10.06 -8.43
C ARG A 176 12.08 -10.28 -8.66
N ILE A 177 12.75 -10.72 -7.60
CA ILE A 177 14.12 -11.17 -7.75
C ILE A 177 14.11 -12.66 -7.40
N THR A 178 14.50 -13.48 -8.39
CA THR A 178 14.65 -14.90 -8.11
C THR A 178 15.62 -15.07 -6.97
N LYS A 179 15.27 -15.93 -6.02
CA LYS A 179 16.07 -16.10 -4.83
C LYS A 179 17.47 -16.58 -5.28
N GLY A 180 18.48 -16.07 -4.57
CA GLY A 180 19.88 -16.28 -4.91
C GLY A 180 20.45 -15.29 -5.94
N HIS A 181 19.60 -14.65 -6.77
CA HIS A 181 20.06 -13.82 -7.89
C HIS A 181 20.37 -12.45 -7.34
N HIS A 182 21.28 -11.71 -7.97
CA HIS A 182 21.57 -10.36 -7.55
C HIS A 182 20.73 -9.40 -8.40
N VAL A 183 20.86 -8.11 -8.12
CA VAL A 183 20.07 -7.12 -8.82
C VAL A 183 20.91 -6.65 -9.99
N SER A 184 20.44 -6.95 -11.20
CA SER A 184 21.02 -6.40 -12.40
C SER A 184 20.59 -4.94 -12.58
N PRO A 185 21.30 -4.19 -13.45
CA PRO A 185 20.90 -2.82 -13.81
C PRO A 185 19.46 -2.72 -14.31
N ILE A 186 19.03 -3.71 -15.07
CA ILE A 186 17.68 -3.72 -15.61
C ILE A 186 16.67 -3.90 -14.47
N ARG A 187 16.92 -4.88 -13.57
CA ARG A 187 15.95 -5.14 -12.52
C ARG A 187 15.94 -3.95 -11.56
N ALA A 188 17.09 -3.30 -11.36
CA ALA A 188 17.16 -2.09 -10.54
C ALA A 188 16.25 -1.02 -11.13
N ASP A 189 16.34 -0.83 -12.45
CA ASP A 189 15.57 0.20 -13.10
C ASP A 189 14.08 -0.17 -13.17
N LEU A 190 13.74 -1.46 -13.17
CA LEU A 190 12.32 -1.85 -13.11
C LEU A 190 11.73 -1.41 -11.76
N LEU A 191 12.52 -1.51 -10.68
CA LEU A 191 12.03 -1.07 -9.38
C LEU A 191 11.93 0.45 -9.40
N ALA A 192 12.94 1.10 -10.01
CA ALA A 192 12.97 2.56 -10.12
C ALA A 192 11.72 3.08 -10.82
N ARG A 193 11.29 2.35 -11.82
CA ARG A 193 10.09 2.66 -12.58
CA ARG A 193 10.09 2.67 -12.58
C ARG A 193 8.88 2.85 -11.68
N CYS A 194 8.72 1.96 -10.68
CA CYS A 194 7.60 2.06 -9.75
C CYS A 194 7.61 3.42 -9.03
N TYR A 195 8.80 3.82 -8.58
CA TYR A 195 8.91 5.10 -7.90
C TYR A 195 8.59 6.23 -8.90
N ARG A 196 9.24 6.26 -10.08
CA ARG A 196 9.05 7.34 -11.04
C ARG A 196 7.57 7.45 -11.43
N SER A 197 6.92 6.30 -11.71
CA SER A 197 5.51 6.30 -12.16
C SER A 197 4.60 6.84 -11.07
N SER A 198 4.85 6.42 -9.82
CA SER A 198 4.04 6.85 -8.70
C SER A 198 4.20 8.35 -8.45
N LEU A 199 5.44 8.85 -8.49
CA LEU A 199 5.66 10.28 -8.33
C LEU A 199 4.95 11.05 -9.44
N ASP A 200 5.09 10.58 -10.69
CA ASP A 200 4.49 11.29 -11.81
C ASP A 200 2.97 11.35 -11.62
N LEU A 201 2.37 10.26 -11.15
CA LEU A 201 0.93 10.22 -11.02
C LEU A 201 0.48 11.14 -9.88
N ALA A 202 1.24 11.15 -8.78
CA ALA A 202 0.88 11.98 -7.64
C ALA A 202 0.81 13.44 -8.05
N VAL A 203 1.81 13.86 -8.84
CA VAL A 203 1.86 15.23 -9.32
C VAL A 203 0.66 15.54 -10.21
N LYS A 204 0.34 14.61 -11.12
CA LYS A 204 -0.76 14.85 -12.06
C LYS A 204 -2.09 14.89 -11.32
N ALA A 205 -2.19 14.18 -10.17
CA ALA A 205 -3.41 14.21 -9.37
C ALA A 205 -3.46 15.44 -8.46
N GLY A 206 -2.44 16.29 -8.49
CA GLY A 206 -2.33 17.47 -7.62
C GLY A 206 -2.11 17.14 -6.14
N LEU A 207 -1.45 16.03 -5.82
CA LEU A 207 -1.31 15.61 -4.45
C LEU A 207 -0.09 16.30 -3.84
N THR A 208 -0.06 16.48 -2.52
CA THR A 208 1.10 17.11 -1.89
C THR A 208 1.79 16.19 -0.88
N SER A 209 1.35 14.94 -0.72
CA SER A 209 2.08 14.00 0.10
C SER A 209 1.88 12.58 -0.44
N LEU A 210 2.97 11.81 -0.50
CA LEU A 210 3.03 10.43 -1.02
C LEU A 210 3.88 9.58 -0.08
N ALA A 211 3.34 8.44 0.39
CA ALA A 211 4.06 7.48 1.20
C ALA A 211 4.36 6.22 0.40
N PHE A 212 5.65 5.90 0.29
CA PHE A 212 6.09 4.66 -0.31
C PHE A 212 6.37 3.59 0.73
N CYS A 213 5.88 2.39 0.44
CA CYS A 213 6.33 1.21 1.14
C CYS A 213 7.60 0.71 0.44
N SER A 214 8.25 -0.26 1.08
CA SER A 214 9.48 -0.83 0.53
C SER A 214 9.14 -1.85 -0.54
N ILE A 215 8.72 -1.34 -1.70
CA ILE A 215 8.23 -2.15 -2.80
C ILE A 215 9.23 -3.26 -3.19
N SER A 216 8.67 -4.46 -3.39
CA SER A 216 9.35 -5.66 -3.90
C SER A 216 10.16 -6.39 -2.83
N THR A 217 10.29 -5.86 -1.60
CA THR A 217 11.27 -6.37 -0.67
C THR A 217 10.67 -7.45 0.23
N GLY A 218 9.39 -7.75 0.05
CA GLY A 218 8.73 -8.75 0.86
C GLY A 218 8.64 -10.07 0.09
N GLU A 219 7.41 -10.35 -0.36
CA GLU A 219 7.09 -11.51 -1.17
C GLU A 219 7.95 -11.56 -2.44
N PHE A 220 8.30 -10.40 -3.02
CA PHE A 220 9.00 -10.41 -4.30
C PHE A 220 10.52 -10.59 -4.16
N GLY A 221 11.04 -10.58 -2.94
CA GLY A 221 12.40 -11.03 -2.66
C GLY A 221 13.50 -10.07 -3.10
N PHE A 222 13.18 -8.81 -3.33
CA PHE A 222 14.21 -7.84 -3.67
C PHE A 222 15.04 -7.52 -2.43
N PRO A 223 16.38 -7.66 -2.51
CA PRO A 223 17.23 -7.36 -1.35
C PRO A 223 17.04 -5.93 -0.83
N LYS A 224 16.93 -5.82 0.50
CA LYS A 224 16.54 -4.59 1.14
C LYS A 224 17.58 -3.49 0.92
N LYS A 225 18.87 -3.79 1.09
CA LYS A 225 19.88 -2.77 0.90
C LYS A 225 19.80 -2.15 -0.51
N GLU A 226 19.82 -2.98 -1.55
CA GLU A 226 19.79 -2.40 -2.90
C GLU A 226 18.49 -1.67 -3.12
N ALA A 227 17.37 -2.21 -2.61
CA ALA A 227 16.07 -1.59 -2.81
C ALA A 227 16.05 -0.20 -2.15
N ALA A 228 16.60 -0.05 -0.95
CA ALA A 228 16.60 1.27 -0.32
C ALA A 228 17.44 2.29 -1.11
N GLN A 229 18.60 1.85 -1.57
CA GLN A 229 19.45 2.69 -2.41
C GLN A 229 18.70 3.16 -3.66
N ILE A 230 18.02 2.22 -4.34
CA ILE A 230 17.27 2.53 -5.55
C ILE A 230 16.13 3.51 -5.24
N ALA A 231 15.35 3.24 -4.19
CA ALA A 231 14.23 4.08 -3.83
C ALA A 231 14.69 5.52 -3.62
N ILE A 232 15.78 5.69 -2.85
CA ILE A 232 16.21 7.02 -2.44
C ILE A 232 16.80 7.75 -3.64
N LYS A 233 17.65 7.06 -4.39
CA LYS A 233 18.31 7.62 -5.54
C LYS A 233 17.29 8.03 -6.58
N THR A 234 16.24 7.21 -6.77
CA THR A 234 15.21 7.49 -7.76
C THR A 234 14.41 8.71 -7.34
N VAL A 235 13.97 8.78 -6.06
CA VAL A 235 13.19 9.94 -5.62
C VAL A 235 14.05 11.21 -5.73
N LEU A 236 15.31 11.16 -5.30
CA LEU A 236 16.16 12.35 -5.37
C LEU A 236 16.42 12.80 -6.80
N LYS A 237 16.64 11.87 -7.73
CA LYS A 237 16.83 12.20 -9.12
C LYS A 237 15.56 12.79 -9.71
N TRP A 238 14.40 12.23 -9.32
CA TRP A 238 13.13 12.75 -9.77
C TRP A 238 12.88 14.18 -9.30
N GLN A 239 13.16 14.48 -8.01
CA GLN A 239 13.05 15.83 -7.49
C GLN A 239 13.93 16.81 -8.27
N ALA A 240 15.17 16.43 -8.57
CA ALA A 240 16.06 17.33 -9.30
C ALA A 240 15.58 17.54 -10.74
N GLU A 241 14.91 16.53 -11.33
CA GLU A 241 14.55 16.59 -12.74
C GLU A 241 13.20 17.26 -12.91
N HIS A 242 12.41 17.35 -11.82
CA HIS A 242 11.03 17.81 -11.85
C HIS A 242 10.87 18.96 -10.85
N PRO A 243 11.42 20.16 -11.17
CA PRO A 243 11.34 21.31 -10.27
C PRO A 243 9.89 21.71 -10.04
N GLU A 244 9.02 21.45 -11.02
CA GLU A 244 7.61 21.82 -10.90
C GLU A 244 6.97 21.19 -9.65
N SER A 245 7.54 20.10 -9.15
CA SER A 245 6.93 19.32 -8.10
C SER A 245 7.75 19.33 -6.81
N LYS A 246 8.29 20.50 -6.44
CA LYS A 246 8.81 20.74 -5.10
C LYS A 246 7.69 20.84 -4.06
N THR A 247 6.44 21.04 -4.48
CA THR A 247 5.30 20.99 -3.57
C THR A 247 5.06 19.59 -2.97
N LEU A 248 5.84 18.57 -3.35
CA LEU A 248 5.49 17.23 -2.97
C LEU A 248 6.38 16.71 -1.84
N THR A 249 5.77 16.36 -0.71
CA THR A 249 6.43 15.63 0.35
C THR A 249 6.35 14.12 0.12
N THR A 250 7.51 13.47 0.14
CA THR A 250 7.60 12.03 -0.01
C THR A 250 7.97 11.44 1.34
N ILE A 251 7.21 10.42 1.74
CA ILE A 251 7.49 9.70 2.95
C ILE A 251 7.89 8.27 2.61
N PHE A 252 9.00 7.83 3.17
CA PHE A 252 9.35 6.43 3.09
C PHE A 252 8.84 5.76 4.36
N ASN A 253 8.02 4.74 4.15
CA ASN A 253 7.37 4.01 5.22
C ASN A 253 8.13 2.71 5.43
N THR A 254 8.83 2.60 6.57
CA THR A 254 9.54 1.36 6.86
C THR A 254 8.67 0.52 7.79
N PHE A 255 8.81 -0.80 7.73
CA PHE A 255 7.95 -1.65 8.51
C PHE A 255 8.77 -2.72 9.25
N THR A 256 10.02 -2.90 8.83
CA THR A 256 10.88 -3.92 9.41
C THR A 256 12.07 -3.20 10.00
N SER A 257 12.69 -3.84 10.96
CA SER A 257 13.76 -3.15 11.67
C SER A 257 14.98 -3.03 10.74
N GLU A 258 15.11 -3.94 9.78
CA GLU A 258 16.19 -3.85 8.83
C GLU A 258 15.98 -2.64 7.90
N ASP A 259 14.77 -2.46 7.38
CA ASP A 259 14.48 -1.30 6.54
C ASP A 259 14.67 0.01 7.32
N LYS A 260 14.22 0.03 8.58
CA LYS A 260 14.40 1.20 9.41
C LYS A 260 15.89 1.55 9.48
N ALA A 261 16.75 0.53 9.60
CA ALA A 261 18.16 0.82 9.81
C ALA A 261 18.78 1.32 8.50
N LEU A 262 18.38 0.73 7.37
CA LEU A 262 18.92 1.10 6.07
C LEU A 262 18.56 2.53 5.72
N TYR A 263 17.28 2.89 5.84
CA TYR A 263 16.82 4.22 5.51
C TYR A 263 17.45 5.26 6.42
N ASP A 264 17.62 4.93 7.70
CA ASP A 264 18.30 5.79 8.66
C ASP A 264 19.76 6.03 8.23
N THR A 265 20.46 4.98 7.83
CA THR A 265 21.85 5.13 7.41
C THR A 265 21.96 6.03 6.18
N TYR A 266 21.01 5.99 5.25
CA TYR A 266 21.14 6.74 4.01
C TYR A 266 20.54 8.14 4.11
N LEU A 267 19.53 8.36 4.97
CA LEU A 267 18.89 9.69 4.98
C LEU A 267 19.24 10.51 6.23
N GLN A 268 19.81 9.87 7.26
CA GLN A 268 20.05 10.60 8.49
C GLN A 268 21.47 10.44 9.02
N LYS A 269 22.46 10.37 8.14
CA LYS A 269 23.83 10.26 8.61
C LYS A 269 24.33 11.63 9.03
N GLU A 270 25.00 11.65 10.19
CA GLU A 270 25.51 12.86 10.81
C GLU A 270 26.99 13.01 10.45
ZN ZN B . -0.04 -11.12 0.32
N1 AR6 C . 2.53 -1.15 6.41
C2 AR6 C . 3.73 -0.88 5.84
N3 AR6 C . 4.57 -1.70 5.24
C4 AR6 C . 4.13 -2.98 5.29
C5 AR6 C . 2.96 -3.42 5.89
C6 AR6 C . 2.12 -2.43 6.43
N6 AR6 C . 0.94 -2.68 6.99
N7 AR6 C . 2.82 -4.80 5.67
C8 AR6 C . 3.93 -5.14 5.04
N9 AR6 C . 4.75 -4.09 4.78
PA AR6 C . 5.26 -7.02 0.34
PB AR6 C . 6.22 -7.14 -2.48
C1' AR6 C . 6.04 -4.03 4.06
O1A AR6 C . 4.01 -6.34 0.78
O1B AR6 C . 6.26 -6.04 -3.50
C1D AR6 C . 1.57 -9.50 -1.99
O1D AR6 C . 0.83 -10.62 -1.53
C2' AR6 C . 6.94 -5.27 4.07
O2' AR6 C . 7.58 -5.35 5.32
O2A AR6 C . 5.52 -8.46 0.50
O2B AR6 C . 7.53 -7.72 -1.99
C2D AR6 C . 1.01 -8.85 -3.26
O2D AR6 C . -0.34 -9.17 -3.51
C3' AR6 C . 7.91 -4.92 2.94
O3' AR6 C . 8.92 -4.03 3.42
O3A AR6 C . 5.40 -6.58 -1.21
C3D AR6 C . 1.94 -9.30 -4.38
O3D AR6 C . 1.55 -10.55 -4.91
C4' AR6 C . 7.02 -4.15 1.95
O4' AR6 C . 5.78 -3.85 2.68
C4D AR6 C . 3.28 -9.43 -3.64
O4D AR6 C . 2.96 -9.81 -2.27
C5' AR6 C . 6.70 -4.87 0.67
O5' AR6 C . 6.50 -6.27 0.96
C5D AR6 C . 4.09 -8.15 -3.66
O5D AR6 C . 5.33 -8.35 -2.98
#